data_7X4P
#
_entry.id   7X4P
#
_cell.length_a   41.332
_cell.length_b   56.777
_cell.length_c   64.780
_cell.angle_alpha   90.000
_cell.angle_beta   97.242
_cell.angle_gamma   90.000
#
_symmetry.space_group_name_H-M   'P 1 21 1'
#
loop_
_entity.id
_entity.type
_entity.pdbx_description
1 polymer EfCdnE
2 non-polymer "URIDINE 5'-TRIPHOSPHATE"
3 non-polymer "URIDINE-5'-MONOPHOSPHATE"
4 non-polymer 'MAGNESIUM ION'
5 water water
#
_entity_poly.entity_id   1
_entity_poly.type   'polypeptide(L)'
_entity_poly.pdbx_seq_one_letter_code
;MSKFSESTLSGWTKPASVTEEDRIENTISMIKSAIKNDNNFDNLVYEVFVQGSYGNNTNVRTNSDIDVNIMLTSTFYSKY
PEGKTNSDYGFTDGTITYNEYKNLILTALTNKFGTGNVTVGNKSIKITSNSYRVEADCIPSLLYRNYEYENSSSPNNYIE
GIKYFASDNTSVVNYPKVHINNGIEKNNQTHKNYKRLVRVIKRLRNKMTAENHFTNENITSFLIECLIWNVPNNYINDYD
TWDETIKQTLIFIKSSINDNSYKNWTEVSGMFYLFHNNRKWTSDDVSSFVNSLWSFMEYLEHHHHHH
;
_entity_poly.pdbx_strand_id   A
#
loop_
_chem_comp.id
_chem_comp.type
_chem_comp.name
_chem_comp.formula
MG non-polymer 'MAGNESIUM ION' 'Mg 2'
U5P non-polymer URIDINE-5'-MONOPHOSPHATE 'C9 H13 N2 O9 P'
UTP non-polymer 'URIDINE 5'-TRIPHOSPHATE' 'C9 H15 N2 O15 P3'
#
# COMPACT_ATOMS: atom_id res chain seq x y z
N SER A 2 25.29 -1.44 -15.06
CA SER A 2 24.64 -2.72 -14.80
C SER A 2 24.63 -3.60 -16.07
N LYS A 3 24.10 -4.80 -15.93
CA LYS A 3 24.00 -5.67 -17.08
C LYS A 3 22.76 -5.40 -17.95
N PHE A 4 21.90 -4.45 -17.59
CA PHE A 4 20.71 -4.18 -18.38
C PHE A 4 20.80 -2.85 -19.10
N SER A 5 20.30 -2.83 -20.33
CA SER A 5 20.31 -1.62 -21.12
C SER A 5 19.33 -0.60 -20.55
N GLU A 6 19.56 0.64 -20.92
CA GLU A 6 18.69 1.71 -20.49
C GLU A 6 17.27 1.53 -21.04
N SER A 7 17.16 0.99 -22.26
CA SER A 7 15.85 0.70 -22.82
C SER A 7 15.11 -0.37 -22.01
N THR A 8 15.82 -1.42 -21.59
CA THR A 8 15.22 -2.49 -20.79
C THR A 8 14.74 -1.95 -19.44
N LEU A 9 15.61 -1.22 -18.76
CA LEU A 9 15.24 -0.65 -17.47
C LEU A 9 14.04 0.26 -17.61
N SER A 10 14.04 1.13 -18.63
CA SER A 10 12.90 2.02 -18.80
C SER A 10 11.62 1.25 -19.04
N GLY A 11 11.66 0.20 -19.86
CA GLY A 11 10.47 -0.62 -20.02
C GLY A 11 9.94 -1.12 -18.68
N TRP A 12 10.85 -1.47 -17.77
CA TRP A 12 10.44 -1.96 -16.46
C TRP A 12 9.97 -0.86 -15.51
N THR A 13 10.10 0.42 -15.90
CA THR A 13 9.46 1.49 -15.11
C THR A 13 8.03 1.76 -15.50
N LYS A 14 7.51 1.14 -16.56
CA LYS A 14 6.22 1.54 -17.09
C LYS A 14 5.09 1.16 -16.14
N PRO A 15 4.04 1.96 -16.07
CA PRO A 15 2.83 1.51 -15.39
C PRO A 15 2.33 0.24 -16.06
N ALA A 16 1.75 -0.66 -15.25
CA ALA A 16 1.10 -1.81 -15.84
C ALA A 16 0.02 -1.37 -16.81
N SER A 17 -0.08 -2.08 -17.94
CA SER A 17 -1.15 -1.81 -18.90
C SER A 17 -2.51 -2.00 -18.23
N VAL A 18 -3.46 -1.18 -18.63
CA VAL A 18 -4.83 -1.37 -18.16
C VAL A 18 -5.64 -1.97 -19.30
N THR A 19 -5.77 -3.30 -19.32
CA THR A 19 -6.54 -3.95 -20.38
C THR A 19 -8.06 -3.68 -20.28
N GLU A 20 -8.57 -2.77 -19.44
CA GLU A 20 -10.00 -2.55 -19.31
C GLU A 20 -10.46 -1.12 -19.55
N GLU A 21 -9.57 -0.12 -19.48
CA GLU A 21 -9.87 1.31 -19.64
C GLU A 21 -10.72 1.85 -18.49
N ASP A 22 -11.63 1.04 -17.97
CA ASP A 22 -12.55 1.47 -16.93
C ASP A 22 -12.58 0.47 -15.79
N ARG A 23 -11.45 -0.19 -15.52
CA ARG A 23 -11.45 -1.23 -14.50
C ARG A 23 -11.64 -0.65 -13.11
N ILE A 24 -10.81 0.34 -12.74
CA ILE A 24 -10.99 1.03 -11.46
C ILE A 24 -12.41 1.58 -11.37
N GLU A 25 -12.87 2.20 -12.45
CA GLU A 25 -14.19 2.84 -12.46
C GLU A 25 -15.30 1.82 -12.26
N ASN A 26 -15.34 0.78 -13.11
CA ASN A 26 -16.34 -0.26 -12.99
C ASN A 26 -16.28 -0.93 -11.62
N THR A 27 -15.08 -1.21 -11.11
CA THR A 27 -14.97 -1.92 -9.84
C THR A 27 -15.53 -1.09 -8.70
N ILE A 28 -15.09 0.17 -8.59
CA ILE A 28 -15.65 1.05 -7.56
C ILE A 28 -17.16 1.14 -7.73
N SER A 29 -17.63 1.28 -8.97
CA SER A 29 -19.05 1.52 -9.19
C SER A 29 -19.90 0.30 -8.83
N MET A 30 -19.43 -0.90 -9.15
CA MET A 30 -20.17 -2.13 -8.82
C MET A 30 -20.21 -2.35 -7.31
N ILE A 31 -19.09 -2.12 -6.63
CA ILE A 31 -19.08 -2.29 -5.17
C ILE A 31 -19.98 -1.24 -4.50
N LYS A 32 -19.88 0.02 -4.96
CA LYS A 32 -20.79 1.06 -4.46
C LYS A 32 -22.22 0.66 -4.69
N SER A 33 -22.53 0.11 -5.85
CA SER A 33 -23.92 -0.25 -6.16
C SER A 33 -24.42 -1.34 -5.21
N ALA A 34 -23.54 -2.29 -4.87
CA ALA A 34 -23.92 -3.33 -3.92
C ALA A 34 -24.34 -2.73 -2.59
N ILE A 35 -23.62 -1.70 -2.14
CA ILE A 35 -23.91 -1.10 -0.83
C ILE A 35 -25.13 -0.18 -0.92
N LYS A 36 -25.17 0.69 -1.91
CA LYS A 36 -26.22 1.72 -1.96
C LYS A 36 -27.59 1.08 -2.10
N ASN A 37 -27.71 -0.04 -2.79
CA ASN A 37 -29.02 -0.63 -2.95
C ASN A 37 -29.42 -1.52 -1.78
N ASP A 38 -28.53 -1.71 -0.81
CA ASP A 38 -28.84 -2.48 0.39
C ASP A 38 -29.44 -1.53 1.43
N ASN A 39 -30.72 -1.72 1.75
CA ASN A 39 -31.39 -0.78 2.66
C ASN A 39 -30.73 -0.73 4.03
N ASN A 40 -29.97 -1.77 4.41
CA ASN A 40 -29.40 -1.74 5.75
C ASN A 40 -28.23 -0.77 5.86
N PHE A 41 -27.80 -0.17 4.75
CA PHE A 41 -26.79 0.88 4.78
C PHE A 41 -27.41 2.28 4.68
N ASP A 42 -28.74 2.38 4.68
CA ASP A 42 -29.38 3.65 4.37
C ASP A 42 -29.00 4.75 5.35
N ASN A 43 -28.84 4.42 6.62
CA ASN A 43 -28.51 5.44 7.62
C ASN A 43 -27.03 5.53 7.88
N LEU A 44 -26.19 4.87 7.07
CA LEU A 44 -24.75 4.89 7.30
C LEU A 44 -24.06 5.80 6.30
N VAL A 45 -22.94 6.36 6.73
CA VAL A 45 -22.07 7.15 5.86
C VAL A 45 -20.78 6.38 5.68
N TYR A 46 -20.32 6.26 4.44
CA TYR A 46 -19.21 5.36 4.13
C TYR A 46 -18.59 5.80 2.81
N GLU A 47 -17.38 5.33 2.55
CA GLU A 47 -16.65 5.65 1.34
C GLU A 47 -16.07 4.39 0.73
N VAL A 48 -16.12 4.29 -0.59
CA VAL A 48 -15.52 3.19 -1.33
C VAL A 48 -14.34 3.78 -2.09
N PHE A 49 -13.13 3.38 -1.74
CA PHE A 49 -11.98 3.97 -2.44
C PHE A 49 -10.88 2.95 -2.66
N VAL A 50 -10.02 3.23 -3.63
CA VAL A 50 -8.93 2.33 -3.99
C VAL A 50 -7.70 2.63 -3.15
N GLN A 51 -7.08 1.58 -2.63
CA GLN A 51 -5.83 1.72 -1.89
C GLN A 51 -4.79 0.80 -2.50
N GLY A 52 -3.67 0.59 -1.81
CA GLY A 52 -2.61 -0.31 -2.29
C GLY A 52 -2.00 0.17 -3.60
N SER A 53 -1.50 -0.80 -4.36
CA SER A 53 -0.71 -0.46 -5.54
C SER A 53 -1.55 0.23 -6.60
N TYR A 54 -2.81 -0.16 -6.77
CA TYR A 54 -3.63 0.55 -7.74
C TYR A 54 -3.93 1.97 -7.28
N GLY A 55 -4.18 2.16 -5.99
CA GLY A 55 -4.44 3.52 -5.53
C GLY A 55 -3.23 4.42 -5.62
N ASN A 56 -2.03 3.82 -5.64
CA ASN A 56 -0.80 4.58 -5.71
C ASN A 56 -0.18 4.59 -7.09
N ASN A 57 -0.79 3.90 -8.07
CA ASN A 57 -0.25 3.77 -9.42
C ASN A 57 1.15 3.15 -9.41
N THR A 58 1.37 2.23 -8.48
CA THR A 58 2.62 1.48 -8.40
C THR A 58 2.45 0.01 -8.74
N ASN A 59 1.28 -0.37 -9.23
CA ASN A 59 1.03 -1.72 -9.69
C ASN A 59 1.91 -2.04 -10.91
N VAL A 60 2.51 -3.22 -10.92
CA VAL A 60 3.37 -3.64 -12.04
C VAL A 60 2.80 -4.80 -12.83
N ARG A 61 1.67 -5.38 -12.40
CA ARG A 61 1.07 -6.50 -13.13
C ARG A 61 -0.41 -6.25 -13.30
N THR A 62 -0.86 -6.30 -14.55
CA THR A 62 -2.28 -6.12 -14.87
C THR A 62 -3.14 -7.18 -14.20
N ASN A 63 -2.60 -8.38 -14.01
CA ASN A 63 -3.40 -9.46 -13.46
C ASN A 63 -3.65 -9.31 -11.97
N SER A 64 -2.97 -8.39 -11.29
CA SER A 64 -3.05 -8.34 -9.83
C SER A 64 -4.40 -7.82 -9.36
N ASP A 65 -4.75 -8.11 -8.12
CA ASP A 65 -6.05 -7.71 -7.61
C ASP A 65 -6.04 -6.25 -7.12
N ILE A 66 -7.16 -5.56 -7.33
CA ILE A 66 -7.34 -4.19 -6.86
C ILE A 66 -7.78 -4.22 -5.41
N ASP A 67 -7.17 -3.39 -4.56
CA ASP A 67 -7.56 -3.31 -3.16
C ASP A 67 -8.57 -2.18 -3.01
N VAL A 68 -9.77 -2.51 -2.54
CA VAL A 68 -10.85 -1.53 -2.41
C VAL A 68 -11.23 -1.47 -0.95
N ASN A 69 -11.09 -0.29 -0.35
CA ASN A 69 -11.48 -0.09 1.03
C ASN A 69 -12.94 0.34 1.06
N ILE A 70 -13.77 -0.31 1.87
CA ILE A 70 -15.12 0.17 2.11
C ILE A 70 -15.14 0.68 3.54
N MET A 71 -15.03 2.00 3.70
CA MET A 71 -14.73 2.62 4.98
C MET A 71 -15.98 3.27 5.56
N LEU A 72 -16.45 2.76 6.70
CA LEU A 72 -17.54 3.38 7.43
C LEU A 72 -17.04 4.65 8.11
N THR A 73 -17.79 5.73 8.01
CA THR A 73 -17.37 6.96 8.67
C THR A 73 -18.39 7.54 9.66
N SER A 74 -19.65 7.10 9.62
CA SER A 74 -20.61 7.57 10.62
C SER A 74 -20.37 6.93 11.97
N THR A 75 -19.68 5.79 12.00
CA THR A 75 -19.13 5.19 13.20
C THR A 75 -17.64 5.01 12.95
N PHE A 76 -16.81 5.28 13.97
CA PHE A 76 -15.38 5.33 13.74
C PHE A 76 -14.65 4.97 15.02
N TYR A 77 -13.35 4.71 14.86
CA TYR A 77 -12.40 4.53 15.96
C TYR A 77 -11.57 5.80 16.10
N SER A 78 -10.97 5.98 17.28
CA SER A 78 -10.22 7.18 17.56
C SER A 78 -8.96 6.85 18.35
N LYS A 79 -7.94 7.67 18.15
CA LYS A 79 -6.78 7.71 19.02
C LYS A 79 -6.73 9.09 19.65
N TYR A 80 -6.82 9.15 20.96
CA TYR A 80 -6.89 10.42 21.66
C TYR A 80 -5.57 10.78 22.33
N PRO A 81 -5.32 12.06 22.56
CA PRO A 81 -4.23 12.44 23.46
C PRO A 81 -4.41 11.78 24.81
N GLU A 82 -3.31 11.66 25.53
CA GLU A 82 -3.34 10.98 26.83
C GLU A 82 -4.38 11.58 27.76
N GLY A 83 -5.13 10.70 28.42
CA GLY A 83 -6.10 11.11 29.40
C GLY A 83 -7.47 11.47 28.86
N LYS A 84 -7.65 11.50 27.54
CA LYS A 84 -8.93 11.88 26.95
C LYS A 84 -9.72 10.63 26.55
N THR A 85 -11.04 10.75 26.59
CA THR A 85 -11.95 9.66 26.23
C THR A 85 -12.99 10.16 25.25
N ASN A 86 -13.81 9.23 24.75
CA ASN A 86 -14.85 9.58 23.77
C ASN A 86 -15.70 10.75 24.24
N SER A 87 -16.09 10.75 25.52
CA SER A 87 -16.99 11.78 26.02
C SER A 87 -16.36 13.17 26.00
N ASP A 88 -15.02 13.28 25.98
CA ASP A 88 -14.39 14.59 25.84
C ASP A 88 -14.62 15.20 24.47
N TYR A 89 -15.02 14.40 23.49
CA TYR A 89 -15.27 14.86 22.13
C TYR A 89 -16.74 14.74 21.76
N GLY A 90 -17.61 14.49 22.74
CA GLY A 90 -19.02 14.33 22.49
C GLY A 90 -19.43 13.03 21.83
N PHE A 91 -18.56 12.02 21.78
CA PHE A 91 -18.81 10.81 21.01
C PHE A 91 -19.27 9.64 21.88
N THR A 92 -20.03 8.73 21.26
CA THR A 92 -20.36 7.45 21.88
C THR A 92 -19.31 6.40 21.52
N ASP A 93 -19.52 5.18 22.02
CA ASP A 93 -18.61 4.09 21.71
C ASP A 93 -19.00 3.37 20.43
N GLY A 94 -19.97 3.89 19.69
CA GLY A 94 -20.32 3.35 18.39
C GLY A 94 -21.69 2.71 18.33
N THR A 95 -22.52 3.14 17.37
CA THR A 95 -23.86 2.58 17.17
C THR A 95 -23.86 1.28 16.38
N ILE A 96 -22.68 0.80 15.95
CA ILE A 96 -22.55 -0.47 15.23
C ILE A 96 -21.13 -0.98 15.50
N THR A 97 -21.00 -2.28 15.73
CA THR A 97 -19.66 -2.84 15.94
C THR A 97 -19.01 -3.16 14.61
N TYR A 98 -17.68 -3.37 14.65
CA TYR A 98 -16.97 -3.76 13.44
C TYR A 98 -17.52 -5.06 12.89
N ASN A 99 -17.77 -6.05 13.76
CA ASN A 99 -18.27 -7.32 13.25
C ASN A 99 -19.68 -7.17 12.65
N GLU A 100 -20.53 -6.35 13.28
CA GLU A 100 -21.85 -6.11 12.69
C GLU A 100 -21.72 -5.45 11.33
N TYR A 101 -20.84 -4.47 11.21
CA TYR A 101 -20.60 -3.81 9.93
C TYR A 101 -20.09 -4.78 8.90
N LYS A 102 -19.12 -5.61 9.28
CA LYS A 102 -18.56 -6.57 8.35
C LYS A 102 -19.64 -7.53 7.87
N ASN A 103 -20.53 -7.97 8.76
CA ASN A 103 -21.59 -8.88 8.33
C ASN A 103 -22.57 -8.20 7.38
N LEU A 104 -22.87 -6.92 7.61
CA LEU A 104 -23.70 -6.19 6.64
C LEU A 104 -23.01 -6.13 5.28
N ILE A 105 -21.71 -5.84 5.28
CA ILE A 105 -20.96 -5.77 4.04
C ILE A 105 -21.00 -7.10 3.33
N LEU A 106 -20.80 -8.20 4.07
CA LEU A 106 -20.84 -9.51 3.46
C LEU A 106 -22.21 -9.79 2.82
N THR A 107 -23.29 -9.47 3.52
CA THR A 107 -24.61 -9.67 2.91
C THR A 107 -24.73 -8.85 1.62
N ALA A 108 -24.30 -7.59 1.63
CA ALA A 108 -24.47 -6.76 0.44
C ALA A 108 -23.66 -7.31 -0.72
N LEU A 109 -22.40 -7.67 -0.45
CA LEU A 109 -21.54 -8.24 -1.49
C LEU A 109 -22.06 -9.59 -1.97
N THR A 110 -22.65 -10.39 -1.08
CA THR A 110 -23.20 -11.67 -1.50
C THR A 110 -24.40 -11.48 -2.42
N ASN A 111 -25.29 -10.57 -2.07
CA ASN A 111 -26.44 -10.33 -2.93
C ASN A 111 -26.00 -9.85 -4.31
N LYS A 112 -24.97 -8.99 -4.36
CA LYS A 112 -24.52 -8.49 -5.65
C LYS A 112 -23.78 -9.57 -6.46
N PHE A 113 -22.85 -10.29 -5.83
CA PHE A 113 -21.87 -11.08 -6.57
C PHE A 113 -22.05 -12.59 -6.46
N GLY A 114 -22.86 -13.09 -5.50
CA GLY A 114 -23.06 -14.52 -5.33
C GLY A 114 -22.19 -15.18 -4.27
N THR A 115 -22.80 -16.05 -3.43
CA THR A 115 -22.08 -16.63 -2.29
C THR A 115 -20.83 -17.38 -2.71
N GLY A 116 -20.89 -18.06 -3.86
CA GLY A 116 -19.72 -18.77 -4.35
C GLY A 116 -18.60 -17.89 -4.88
N ASN A 117 -18.85 -16.58 -5.02
CA ASN A 117 -17.86 -15.64 -5.53
C ASN A 117 -17.40 -14.65 -4.47
N VAL A 118 -17.71 -14.90 -3.21
CA VAL A 118 -17.23 -14.10 -2.08
C VAL A 118 -16.47 -15.04 -1.17
N THR A 119 -15.22 -14.69 -0.85
CA THR A 119 -14.39 -15.49 0.06
C THR A 119 -13.83 -14.59 1.14
N VAL A 120 -14.10 -14.89 2.41
CA VAL A 120 -13.55 -14.09 3.50
C VAL A 120 -12.13 -14.59 3.80
N GLY A 121 -11.13 -13.72 3.60
CA GLY A 121 -9.77 -14.02 4.01
C GLY A 121 -9.45 -13.38 5.34
N ASN A 122 -8.17 -13.48 5.74
CA ASN A 122 -7.78 -12.94 7.03
C ASN A 122 -7.92 -11.42 7.06
N LYS A 123 -7.39 -10.74 6.04
CA LYS A 123 -7.36 -9.29 6.05
C LYS A 123 -8.16 -8.63 4.94
N SER A 124 -8.87 -9.41 4.11
CA SER A 124 -9.71 -8.86 3.07
C SER A 124 -10.74 -9.90 2.63
N ILE A 125 -11.74 -9.43 1.91
CA ILE A 125 -12.80 -10.24 1.31
C ILE A 125 -12.57 -10.26 -0.20
N LYS A 126 -12.31 -11.43 -0.76
CA LYS A 126 -12.06 -11.52 -2.18
C LYS A 126 -13.37 -11.66 -2.93
N ILE A 127 -13.54 -10.84 -3.96
CA ILE A 127 -14.66 -10.90 -4.89
C ILE A 127 -14.08 -11.39 -6.21
N THR A 128 -14.66 -12.48 -6.71
CA THR A 128 -14.28 -13.06 -8.01
C THR A 128 -15.57 -13.20 -8.81
N SER A 129 -16.05 -12.09 -9.36
CA SER A 129 -17.29 -12.05 -10.11
C SER A 129 -16.98 -11.96 -11.59
N ASN A 130 -17.24 -13.04 -12.32
CA ASN A 130 -17.13 -12.95 -13.77
C ASN A 130 -18.27 -12.12 -14.36
N SER A 131 -19.47 -12.19 -13.76
CA SER A 131 -20.64 -11.53 -14.35
C SER A 131 -20.44 -10.03 -14.47
N TYR A 132 -19.93 -9.40 -13.43
CA TYR A 132 -19.74 -7.95 -13.40
C TYR A 132 -18.29 -7.54 -13.65
N ARG A 133 -17.42 -8.50 -13.96
CA ARG A 133 -16.00 -8.24 -14.18
C ARG A 133 -15.38 -7.55 -12.97
N VAL A 134 -15.59 -8.11 -11.79
CA VAL A 134 -14.99 -7.58 -10.58
C VAL A 134 -14.02 -8.61 -10.02
N GLU A 135 -12.74 -8.28 -10.00
CA GLU A 135 -11.70 -9.07 -9.35
C GLU A 135 -11.07 -8.13 -8.33
N ALA A 136 -11.47 -8.27 -7.07
CA ALA A 136 -11.06 -7.24 -6.11
C ALA A 136 -10.92 -7.85 -4.72
N ASP A 137 -9.98 -7.29 -3.95
CA ASP A 137 -9.89 -7.54 -2.53
C ASP A 137 -10.58 -6.37 -1.86
N CYS A 138 -11.60 -6.64 -1.06
CA CYS A 138 -12.38 -5.62 -0.37
C CYS A 138 -11.99 -5.61 1.09
N ILE A 139 -11.65 -4.44 1.61
CA ILE A 139 -11.27 -4.29 3.01
C ILE A 139 -12.34 -3.45 3.68
N PRO A 140 -13.28 -4.06 4.42
CA PRO A 140 -14.21 -3.26 5.21
C PRO A 140 -13.47 -2.68 6.41
N SER A 141 -13.54 -1.38 6.58
CA SER A 141 -12.83 -0.74 7.67
C SER A 141 -13.72 0.30 8.30
N LEU A 142 -13.33 0.79 9.46
CA LEU A 142 -13.90 1.99 10.03
C LEU A 142 -12.87 3.11 9.93
N LEU A 143 -13.34 4.32 9.70
CA LEU A 143 -12.42 5.45 9.74
C LEU A 143 -11.74 5.51 11.11
N TYR A 144 -10.47 5.90 11.14
CA TYR A 144 -9.67 6.00 12.36
C TYR A 144 -9.25 7.46 12.51
N ARG A 145 -9.76 8.12 13.53
CA ARG A 145 -9.48 9.54 13.77
C ARG A 145 -8.31 9.66 14.73
N ASN A 146 -7.14 10.04 14.21
CA ASN A 146 -5.98 10.22 15.07
C ASN A 146 -5.90 11.69 15.51
N TYR A 147 -6.32 11.94 16.73
CA TYR A 147 -6.20 13.25 17.33
C TYR A 147 -4.88 13.46 18.04
N GLU A 148 -4.18 12.39 18.37
CA GLU A 148 -2.98 12.49 19.18
C GLU A 148 -1.79 12.99 18.38
N TYR A 149 -1.72 12.64 17.08
CA TYR A 149 -0.53 12.93 16.29
C TYR A 149 -0.22 14.42 16.27
N GLU A 150 -1.24 15.26 16.10
CA GLU A 150 -1.03 16.70 16.15
C GLU A 150 -1.58 17.35 17.41
N ASN A 151 -2.02 16.54 18.38
CA ASN A 151 -2.60 16.99 19.65
C ASN A 151 -3.75 17.95 19.41
N SER A 152 -4.77 17.40 18.79
CA SER A 152 -6.00 18.13 18.51
C SER A 152 -7.02 17.85 19.59
N SER A 153 -7.58 18.92 20.15
CA SER A 153 -8.78 18.82 20.96
C SER A 153 -10.03 19.21 20.18
N SER A 154 -9.89 19.51 18.88
CA SER A 154 -10.99 19.97 18.04
C SER A 154 -11.58 18.79 17.30
N PRO A 155 -12.87 18.48 17.48
CA PRO A 155 -13.43 17.24 16.89
C PRO A 155 -13.21 17.12 15.39
N ASN A 156 -13.08 18.22 14.65
CA ASN A 156 -12.97 18.12 13.21
C ASN A 156 -11.55 18.17 12.70
N ASN A 157 -10.56 18.21 13.59
CA ASN A 157 -9.15 18.25 13.19
C ASN A 157 -8.49 16.95 13.65
N TYR A 158 -8.15 16.08 12.70
CA TYR A 158 -7.49 14.83 13.03
C TYR A 158 -6.80 14.32 11.78
N ILE A 159 -5.89 13.37 11.94
CA ILE A 159 -5.32 12.66 10.80
C ILE A 159 -6.21 11.46 10.52
N GLU A 160 -6.62 11.30 9.27
CA GLU A 160 -7.60 10.27 8.92
C GLU A 160 -6.89 8.99 8.48
N GLY A 161 -7.13 7.90 9.22
CA GLY A 161 -6.71 6.57 8.81
C GLY A 161 -7.89 5.63 8.72
N ILE A 162 -7.59 4.35 8.72
CA ILE A 162 -8.59 3.27 8.74
C ILE A 162 -8.17 2.24 9.77
N LYS A 163 -9.16 1.54 10.32
CA LYS A 163 -8.88 0.48 11.27
C LYS A 163 -9.87 -0.64 11.02
N TYR A 164 -9.36 -1.86 11.03
CA TYR A 164 -10.27 -2.98 11.02
C TYR A 164 -9.65 -4.15 11.78
N PHE A 165 -10.40 -5.22 11.90
CA PHE A 165 -9.92 -6.40 12.60
C PHE A 165 -9.80 -7.52 11.60
N ALA A 166 -8.61 -8.12 11.53
CA ALA A 166 -8.44 -9.29 10.71
C ALA A 166 -9.34 -10.41 11.22
N SER A 167 -9.44 -11.48 10.43
CA SER A 167 -10.36 -12.56 10.78
C SER A 167 -9.97 -13.22 12.09
N ASP A 168 -8.68 -13.20 12.44
CA ASP A 168 -8.21 -13.67 13.75
C ASP A 168 -8.40 -12.64 14.87
N ASN A 169 -9.04 -11.51 14.57
CA ASN A 169 -9.40 -10.45 15.51
C ASN A 169 -8.22 -9.59 15.94
N THR A 170 -7.08 -9.66 15.27
CA THR A 170 -6.04 -8.70 15.53
C THR A 170 -6.35 -7.38 14.80
N SER A 171 -6.02 -6.28 15.47
CA SER A 171 -6.29 -4.94 14.98
C SER A 171 -5.30 -4.57 13.89
N VAL A 172 -5.77 -3.87 12.86
CA VAL A 172 -4.96 -3.35 11.78
C VAL A 172 -5.29 -1.88 11.61
N VAL A 173 -4.29 -0.99 11.75
CA VAL A 173 -4.47 0.45 11.55
C VAL A 173 -3.57 0.87 10.38
N ASN A 174 -4.16 1.51 9.36
CA ASN A 174 -3.41 2.00 8.22
C ASN A 174 -3.83 3.44 7.94
N TYR A 175 -3.04 4.13 7.13
CA TYR A 175 -3.37 5.47 6.67
C TYR A 175 -3.29 5.57 5.15
N PRO A 176 -4.15 4.82 4.45
CA PRO A 176 -4.00 4.71 2.99
C PRO A 176 -4.13 6.04 2.25
N LYS A 177 -5.01 6.94 2.69
CA LYS A 177 -5.13 8.21 1.98
C LYS A 177 -3.90 9.08 2.19
N VAL A 178 -3.33 9.04 3.40
CA VAL A 178 -2.13 9.82 3.67
C VAL A 178 -0.96 9.28 2.86
N HIS A 179 -0.81 7.96 2.83
CA HIS A 179 0.16 7.30 1.97
C HIS A 179 0.00 7.78 0.52
N ILE A 180 -1.23 7.71 -0.02
CA ILE A 180 -1.42 8.11 -1.42
C ILE A 180 -1.02 9.57 -1.61
N ASN A 181 -1.46 10.45 -0.70
CA ASN A 181 -1.14 11.87 -0.86
C ASN A 181 0.36 12.12 -0.81
N ASN A 182 1.07 11.47 0.13
CA ASN A 182 2.50 11.70 0.23
C ASN A 182 3.25 11.16 -0.99
N GLY A 183 2.77 10.04 -1.54
CA GLY A 183 3.40 9.48 -2.73
C GLY A 183 3.17 10.36 -3.96
N ILE A 184 1.99 10.98 -4.05
CA ILE A 184 1.77 11.93 -5.14
C ILE A 184 2.71 13.12 -5.00
N GLU A 185 2.86 13.62 -3.78
CA GLU A 185 3.76 14.75 -3.56
C GLU A 185 5.18 14.40 -4.00
N LYS A 186 5.68 13.23 -3.59
CA LYS A 186 7.05 12.90 -3.95
C LYS A 186 7.17 12.72 -5.46
N ASN A 187 6.15 12.13 -6.10
CA ASN A 187 6.19 12.02 -7.55
C ASN A 187 6.26 13.40 -8.20
N ASN A 188 5.50 14.36 -7.66
CA ASN A 188 5.53 15.71 -8.22
C ASN A 188 6.91 16.35 -8.09
N GLN A 189 7.57 16.11 -6.96
CA GLN A 189 8.89 16.66 -6.70
C GLN A 189 10.00 15.97 -7.50
N THR A 190 9.73 14.81 -8.11
CA THR A 190 10.75 14.06 -8.84
C THR A 190 10.39 13.88 -10.31
N HIS A 191 9.57 14.77 -10.87
CA HIS A 191 9.26 14.72 -12.30
C HIS A 191 8.68 13.36 -12.72
N LYS A 192 7.89 12.76 -11.82
CA LYS A 192 7.21 11.47 -11.98
C LYS A 192 8.17 10.28 -11.92
N ASN A 193 9.43 10.51 -11.50
CA ASN A 193 10.36 9.40 -11.48
C ASN A 193 10.31 8.58 -10.19
N TYR A 194 9.74 9.09 -9.10
CA TYR A 194 9.62 8.27 -7.90
C TYR A 194 8.83 6.99 -8.17
N LYS A 195 7.65 7.11 -8.76
CA LYS A 195 6.86 5.88 -8.95
C LYS A 195 7.45 4.99 -10.03
N ARG A 196 8.13 5.56 -11.03
CA ARG A 196 8.86 4.75 -12.01
C ARG A 196 9.93 3.92 -11.32
N LEU A 197 10.63 4.53 -10.35
CA LEU A 197 11.66 3.81 -9.60
C LEU A 197 11.05 2.69 -8.77
N VAL A 198 9.93 2.96 -8.10
CA VAL A 198 9.22 1.91 -7.38
C VAL A 198 8.94 0.73 -8.29
N ARG A 199 8.38 1.02 -9.48
CA ARG A 199 7.98 -0.07 -10.37
C ARG A 199 9.18 -0.88 -10.86
N VAL A 200 10.28 -0.22 -11.21
CA VAL A 200 11.39 -1.05 -11.72
C VAL A 200 12.03 -1.88 -10.60
N ILE A 201 12.08 -1.36 -9.37
CA ILE A 201 12.62 -2.18 -8.28
C ILE A 201 11.70 -3.37 -8.00
N LYS A 202 10.37 -3.18 -8.07
CA LYS A 202 9.48 -4.35 -7.92
C LYS A 202 9.70 -5.38 -9.03
N ARG A 203 9.84 -4.91 -10.27
CA ARG A 203 10.05 -5.85 -11.37
C ARG A 203 11.38 -6.57 -11.22
N LEU A 204 12.43 -5.88 -10.75
CA LEU A 204 13.71 -6.56 -10.54
C LEU A 204 13.65 -7.56 -9.38
N ARG A 205 12.88 -7.27 -8.33
CA ARG A 205 12.66 -8.29 -7.30
C ARG A 205 12.05 -9.54 -7.93
N ASN A 206 11.01 -9.34 -8.74
CA ASN A 206 10.36 -10.48 -9.37
C ASN A 206 11.34 -11.24 -10.26
N LYS A 207 12.14 -10.51 -11.04
CA LYS A 207 13.08 -11.16 -11.95
C LYS A 207 14.12 -11.96 -11.16
N MET A 208 14.60 -11.41 -10.04
CA MET A 208 15.55 -12.16 -9.21
C MET A 208 14.95 -13.44 -8.68
N THR A 209 13.66 -13.40 -8.33
CA THR A 209 13.00 -14.61 -7.86
C THR A 209 12.82 -15.62 -9.01
N ALA A 210 12.34 -15.14 -10.17
CA ALA A 210 12.07 -15.99 -11.32
C ALA A 210 13.30 -16.72 -11.78
N GLU A 211 14.44 -16.04 -11.76
CA GLU A 211 15.68 -16.58 -12.31
C GLU A 211 16.58 -17.14 -11.22
N ASN A 212 16.01 -17.41 -10.03
CA ASN A 212 16.65 -18.22 -8.99
C ASN A 212 17.91 -17.54 -8.45
N HIS A 213 17.89 -16.22 -8.43
CA HIS A 213 19.01 -15.46 -7.88
C HIS A 213 18.81 -15.13 -6.41
N PHE A 214 17.57 -14.80 -6.03
CA PHE A 214 17.29 -14.38 -4.67
C PHE A 214 15.79 -14.45 -4.44
N THR A 215 15.39 -15.04 -3.31
CA THR A 215 13.99 -15.10 -2.93
C THR A 215 13.86 -14.86 -1.44
N ASN A 216 13.02 -13.89 -1.09
CA ASN A 216 12.75 -13.60 0.32
C ASN A 216 11.31 -13.10 0.38
N GLU A 217 10.43 -13.93 0.97
CA GLU A 217 9.01 -13.63 0.97
C GLU A 217 8.65 -12.42 1.83
N ASN A 218 9.57 -11.96 2.68
CA ASN A 218 9.31 -10.78 3.52
C ASN A 218 9.52 -9.47 2.78
N ILE A 219 10.11 -9.48 1.59
CA ILE A 219 10.28 -8.27 0.80
C ILE A 219 8.98 -8.01 0.04
N THR A 220 8.06 -7.32 0.68
CA THR A 220 6.77 -7.10 0.06
C THR A 220 6.80 -5.90 -0.89
N SER A 221 5.77 -5.84 -1.74
CA SER A 221 5.63 -4.67 -2.61
C SER A 221 5.47 -3.40 -1.80
N PHE A 222 4.66 -3.43 -0.75
CA PHE A 222 4.49 -2.27 0.13
C PHE A 222 5.83 -1.83 0.73
N LEU A 223 6.64 -2.80 1.17
CA LEU A 223 7.97 -2.45 1.69
C LEU A 223 8.82 -1.78 0.62
N ILE A 224 8.84 -2.33 -0.59
CA ILE A 224 9.67 -1.71 -1.63
C ILE A 224 9.22 -0.28 -1.90
N GLU A 225 7.91 -0.05 -2.00
CA GLU A 225 7.40 1.30 -2.20
C GLU A 225 7.86 2.24 -1.09
N CYS A 226 7.76 1.79 0.17
CA CYS A 226 8.23 2.59 1.30
C CYS A 226 9.73 2.83 1.28
N LEU A 227 10.54 1.82 0.90
CA LEU A 227 11.97 2.02 0.82
C LEU A 227 12.31 3.11 -0.18
N ILE A 228 11.69 3.05 -1.36
CA ILE A 228 12.03 3.99 -2.43
C ILE A 228 11.51 5.38 -2.06
N TRP A 229 10.38 5.46 -1.35
CA TRP A 229 9.89 6.77 -0.89
C TRP A 229 10.90 7.44 0.05
N ASN A 230 11.70 6.64 0.76
CA ASN A 230 12.73 7.18 1.66
C ASN A 230 14.04 7.55 0.97
N VAL A 231 14.16 7.30 -0.33
CA VAL A 231 15.36 7.73 -1.08
C VAL A 231 15.25 9.24 -1.29
N PRO A 232 16.20 10.04 -0.80
CA PRO A 232 16.11 11.50 -1.01
C PRO A 232 15.97 11.85 -2.49
N ASN A 233 15.18 12.91 -2.74
CA ASN A 233 14.86 13.29 -4.12
C ASN A 233 16.10 13.55 -4.96
N ASN A 234 17.22 14.00 -4.37
CA ASN A 234 18.38 14.25 -5.22
C ASN A 234 18.89 13.00 -5.92
N TYR A 235 18.75 11.82 -5.29
CA TYR A 235 19.21 10.61 -5.96
C TYR A 235 18.34 10.22 -7.12
N ILE A 236 17.16 10.83 -7.24
CA ILE A 236 16.29 10.59 -8.37
C ILE A 236 16.41 11.70 -9.40
N ASN A 237 16.56 12.94 -8.94
CA ASN A 237 16.56 14.11 -9.80
C ASN A 237 17.94 14.42 -10.40
N ASP A 238 19.02 13.93 -9.80
CA ASP A 238 20.36 14.35 -10.21
C ASP A 238 20.96 13.48 -11.32
N TYR A 239 20.31 12.40 -11.74
CA TYR A 239 20.94 11.47 -12.66
C TYR A 239 20.18 11.39 -13.98
N ASP A 240 20.90 11.00 -15.01
CA ASP A 240 20.38 11.00 -16.37
C ASP A 240 20.12 9.61 -16.90
N THR A 241 20.25 8.57 -16.07
CA THR A 241 19.94 7.22 -16.52
C THR A 241 19.27 6.48 -15.37
N TRP A 242 18.47 5.46 -15.74
CA TRP A 242 17.92 4.55 -14.73
C TRP A 242 19.01 3.66 -14.15
N ASP A 243 20.01 3.29 -14.97
CA ASP A 243 21.13 2.55 -14.43
C ASP A 243 21.75 3.26 -13.23
N GLU A 244 22.07 4.55 -13.40
CA GLU A 244 22.73 5.27 -12.31
C GLU A 244 21.77 5.54 -11.16
N THR A 245 20.50 5.79 -11.48
CA THR A 245 19.53 6.03 -10.41
C THR A 245 19.42 4.80 -9.50
N ILE A 246 19.33 3.62 -10.10
CA ILE A 246 19.24 2.41 -9.30
C ILE A 246 20.53 2.19 -8.52
N LYS A 247 21.68 2.40 -9.17
CA LYS A 247 22.96 2.24 -8.49
C LYS A 247 23.00 3.10 -7.22
N GLN A 248 22.65 4.38 -7.34
CA GLN A 248 22.71 5.28 -6.20
C GLN A 248 21.66 4.94 -5.14
N THR A 249 20.51 4.44 -5.57
CA THR A 249 19.50 3.97 -4.63
C THR A 249 20.03 2.82 -3.77
N LEU A 250 20.67 1.84 -4.41
CA LEU A 250 21.17 0.71 -3.63
C LEU A 250 22.29 1.14 -2.69
N ILE A 251 23.17 2.03 -3.16
CA ILE A 251 24.24 2.54 -2.29
C ILE A 251 23.63 3.24 -1.08
N PHE A 252 22.62 4.07 -1.32
CA PHE A 252 22.02 4.84 -0.24
C PHE A 252 21.32 3.93 0.79
N ILE A 253 20.54 2.96 0.32
CA ILE A 253 19.84 2.09 1.25
C ILE A 253 20.82 1.26 2.07
N LYS A 254 21.84 0.69 1.42
CA LYS A 254 22.88 -0.03 2.15
C LYS A 254 23.52 0.87 3.21
N SER A 255 23.90 2.09 2.83
CA SER A 255 24.56 2.99 3.77
C SER A 255 23.65 3.30 4.95
N SER A 256 22.36 3.45 4.67
CA SER A 256 21.40 3.85 5.70
C SER A 256 21.08 2.72 6.67
N ILE A 257 21.11 1.47 6.19
CA ILE A 257 21.02 0.34 7.13
C ILE A 257 22.29 0.28 7.97
N ASN A 258 23.46 0.43 7.33
CA ASN A 258 24.72 0.29 8.06
C ASN A 258 24.91 1.39 9.12
N ASP A 259 24.42 2.61 8.88
CA ASP A 259 24.64 3.70 9.84
C ASP A 259 23.47 3.91 10.79
N ASN A 260 22.49 3.01 10.78
CA ASN A 260 21.32 2.96 11.68
C ASN A 260 20.34 4.07 11.43
N SER A 261 20.55 4.94 10.42
CA SER A 261 19.56 5.97 10.16
C SER A 261 18.25 5.38 9.67
N TYR A 262 18.27 4.14 9.17
CA TYR A 262 17.02 3.49 8.75
C TYR A 262 16.02 3.39 9.89
N LYS A 263 16.48 3.46 11.15
CA LYS A 263 15.55 3.33 12.26
C LYS A 263 14.62 4.52 12.36
N ASN A 264 14.91 5.62 11.68
CA ASN A 264 14.02 6.77 11.71
C ASN A 264 13.11 6.84 10.49
N TRP A 265 13.27 5.90 9.55
CA TRP A 265 12.44 5.90 8.35
C TRP A 265 11.00 5.54 8.69
N THR A 266 10.06 6.29 8.13
CA THR A 266 8.65 5.92 8.23
C THR A 266 8.20 5.23 6.96
N GLU A 267 7.06 4.55 7.07
CA GLU A 267 6.31 4.22 5.87
C GLU A 267 5.88 5.52 5.17
N VAL A 268 5.32 5.36 3.96
CA VAL A 268 4.97 6.53 3.14
C VAL A 268 4.01 7.46 3.87
N SER A 269 3.11 6.93 4.69
CA SER A 269 2.13 7.78 5.38
C SER A 269 2.76 8.67 6.43
N GLY A 270 4.00 8.38 6.85
CA GLY A 270 4.60 9.09 7.96
C GLY A 270 4.07 8.73 9.33
N MET A 271 3.17 7.74 9.44
CA MET A 271 2.44 7.52 10.69
C MET A 271 2.94 6.31 11.46
N PHE A 272 3.82 5.52 10.87
CA PHE A 272 4.43 4.38 11.52
C PHE A 272 5.86 4.26 11.01
N TYR A 273 6.73 3.69 11.82
CA TYR A 273 8.09 3.42 11.37
C TYR A 273 8.13 2.22 10.43
N LEU A 274 9.02 2.31 9.44
CA LEU A 274 9.12 1.27 8.43
C LEU A 274 9.71 -0.01 9.00
N PHE A 275 10.70 0.10 9.88
CA PHE A 275 11.35 -1.06 10.49
C PHE A 275 10.99 -1.10 11.96
N HIS A 276 10.47 -2.23 12.42
CA HIS A 276 10.28 -2.41 13.85
C HIS A 276 10.02 -3.88 14.09
N ASN A 277 9.94 -4.23 15.37
CA ASN A 277 10.05 -5.63 15.76
C ASN A 277 8.81 -6.44 15.41
N ASN A 278 7.72 -5.83 14.94
CA ASN A 278 6.57 -6.62 14.52
C ASN A 278 6.31 -6.52 13.03
N ARG A 279 7.21 -5.91 12.27
CA ARG A 279 7.09 -5.95 10.82
C ARG A 279 7.42 -7.36 10.30
N LYS A 280 6.84 -7.69 9.15
CA LYS A 280 7.15 -8.98 8.51
C LYS A 280 8.63 -9.08 8.14
N TRP A 281 9.24 -7.96 7.76
CA TRP A 281 10.61 -7.87 7.33
C TRP A 281 11.50 -7.39 8.48
N THR A 282 12.78 -7.70 8.37
CA THR A 282 13.81 -7.16 9.23
C THR A 282 14.79 -6.30 8.42
N SER A 283 15.64 -5.58 9.13
CA SER A 283 16.69 -4.85 8.43
C SER A 283 17.63 -5.83 7.73
N ASP A 284 17.84 -7.01 8.32
CA ASP A 284 18.66 -8.03 7.65
C ASP A 284 18.05 -8.47 6.33
N ASP A 285 16.72 -8.64 6.28
CA ASP A 285 16.04 -8.97 5.03
C ASP A 285 16.34 -7.92 3.96
N VAL A 286 16.20 -6.65 4.32
CA VAL A 286 16.40 -5.60 3.33
C VAL A 286 17.86 -5.50 2.94
N SER A 287 18.78 -5.64 3.89
CA SER A 287 20.19 -5.69 3.54
C SER A 287 20.46 -6.79 2.52
N SER A 288 19.88 -7.96 2.76
CA SER A 288 20.08 -9.09 1.85
C SER A 288 19.50 -8.79 0.48
N PHE A 289 18.32 -8.18 0.46
CA PHE A 289 17.68 -7.83 -0.81
C PHE A 289 18.53 -6.85 -1.59
N VAL A 290 19.01 -5.81 -0.92
CA VAL A 290 19.81 -4.80 -1.61
C VAL A 290 21.12 -5.39 -2.10
N ASN A 291 21.78 -6.21 -1.26
CA ASN A 291 23.01 -6.87 -1.69
C ASN A 291 22.74 -7.76 -2.90
N SER A 292 21.63 -8.48 -2.89
CA SER A 292 21.31 -9.38 -3.99
C SER A 292 21.01 -8.62 -5.26
N LEU A 293 20.30 -7.49 -5.16
CA LEU A 293 20.07 -6.67 -6.34
C LEU A 293 21.37 -6.11 -6.87
N TRP A 294 22.25 -5.64 -5.98
CA TRP A 294 23.55 -5.14 -6.42
C TRP A 294 24.31 -6.20 -7.19
N SER A 295 24.30 -7.45 -6.69
CA SER A 295 25.00 -8.52 -7.41
C SER A 295 24.28 -8.90 -8.70
N PHE A 296 22.95 -8.97 -8.66
CA PHE A 296 22.20 -9.33 -9.85
C PHE A 296 22.44 -8.34 -10.96
N MET A 297 22.47 -7.06 -10.65
CA MET A 297 22.67 -6.05 -11.66
C MET A 297 24.12 -5.93 -12.11
N GLU A 298 25.05 -6.55 -11.39
CA GLU A 298 26.47 -6.54 -11.74
C GLU A 298 26.99 -5.10 -11.81
N TYR A 299 26.61 -4.30 -10.79
CA TYR A 299 27.20 -2.98 -10.67
C TYR A 299 28.69 -3.07 -10.42
N LEU A 300 29.16 -4.15 -9.77
CA LEU A 300 30.57 -4.52 -9.87
C LEU A 300 30.67 -5.41 -11.10
N GLU A 301 31.26 -4.87 -12.17
CA GLU A 301 31.29 -5.62 -13.42
C GLU A 301 32.14 -6.89 -13.24
N HIS A 302 31.67 -7.99 -13.83
CA HIS A 302 32.43 -9.21 -13.72
C HIS A 302 33.73 -9.10 -14.49
N HIS A 303 34.70 -9.90 -14.06
CA HIS A 303 36.01 -9.91 -14.68
C HIS A 303 35.89 -10.14 -16.18
N HIS A 304 36.56 -9.29 -16.97
CA HIS A 304 36.50 -9.35 -18.44
C HIS A 304 35.07 -9.26 -18.97
N HIS A 305 34.12 -8.72 -18.20
CA HIS A 305 32.72 -8.69 -18.64
C HIS A 305 32.21 -10.10 -18.96
N HIS A 306 32.75 -11.10 -18.25
CA HIS A 306 32.40 -12.50 -18.46
C HIS A 306 31.76 -13.00 -17.18
N HIS A 307 30.48 -13.37 -17.27
CA HIS A 307 29.78 -13.70 -16.03
C HIS A 307 30.48 -14.81 -15.25
PA UTP B . -1.44 -4.28 -0.04
O1A UTP B . -2.37 -3.20 0.45
O2A UTP B . -2.09 -5.18 -1.05
O3A UTP B . -0.10 -3.58 -0.69
O5' UTP B . -0.85 -5.25 1.16
PB UTP B . 0.09 -3.28 -2.28
O1B UTP B . -1.24 -3.33 -3.06
O2B UTP B . 0.95 -2.02 -2.46
O3B UTP B . 1.03 -4.47 -2.82
PG UTP B . 0.57 -5.79 -3.62
O1G UTP B . 1.09 -5.67 -5.06
O2G UTP B . 1.27 -6.89 -2.85
O3G UTP B . -0.92 -5.99 -3.59
C5' UTP B . 0.18 -6.11 0.76
C4' UTP B . 1.01 -6.45 1.98
O4' UTP B . 1.62 -5.11 2.53
C1' UTP B . 1.31 -5.07 4.04
C2' UTP B . 0.63 -6.21 4.31
O2' UTP B . 1.54 -7.17 4.92
C3' UTP B . 0.21 -6.91 2.91
O3' UTP B . 0.36 -8.37 2.99
N1 UTP B . 0.74 -3.74 4.39
C6 UTP B . -0.16 -3.18 3.59
C2 UTP B . 1.17 -3.05 5.50
O2 UTP B . 1.99 -3.52 6.26
N3 UTP B . 0.66 -1.83 5.80
C4 UTP B . -0.25 -1.29 5.01
O4 UTP B . -0.71 -0.23 5.25
C5 UTP B . -0.66 -1.96 3.88
N1 U5P C . -4.48 -5.26 4.00
C2 U5P C . -4.73 -3.95 4.45
N3 U5P C . -3.86 -3.47 5.41
C4 U5P C . -2.79 -4.11 5.99
C5 U5P C . -2.59 -5.44 5.49
C6 U5P C . -3.42 -5.95 4.55
O2 U5P C . -5.64 -3.25 4.04
O4 U5P C . -2.10 -3.54 6.85
C1' U5P C . -5.34 -5.93 2.97
C2' U5P C . -4.93 -5.66 1.52
O2' U5P C . -6.06 -5.85 0.68
C3' U5P C . -3.96 -6.80 1.27
C4' U5P C . -4.62 -7.96 2.02
O3' U5P C . -3.75 -7.10 -0.09
O4' U5P C . -5.24 -7.33 3.17
C5' U5P C . -3.64 -9.00 2.48
O5' U5P C . -2.36 -8.40 2.63
P U5P C . -1.23 -9.08 3.52
O1P U5P C . -1.12 -10.48 3.05
O2P U5P C . -1.56 -8.81 4.96
MG MG D . -2.46 -4.93 -3.09
#